data_9R4N
#
_entry.id   9R4N
#
_cell.length_a   107.531
_cell.length_b   107.531
_cell.length_c   127.193
_cell.angle_alpha   90.000
_cell.angle_beta   90.000
_cell.angle_gamma   120.000
#
_symmetry.space_group_name_H-M   'P 31 2 1'
#
loop_
_entity.id
_entity.type
_entity.pdbx_description
1 polymer 'Uncharacterized protein'
2 branched alpha-D-mannopyranose-(1-2)-alpha-D-mannopyranose
3 non-polymer alpha-D-mannopyranose
4 non-polymer GLYCEROL
5 non-polymer 'FORMIC ACID'
6 water water
#
_entity_poly.entity_id   1
_entity_poly.type   'polypeptide(L)'
_entity_poly.pdbx_seq_one_letter_code
;MAGIADLTAALASADRNRVTRVEAMRRSPTTISLSTLGALSALWGILYFMTCSGRNSRGVLADASSGMLQTRQSDSESLN
STGLAQAAINGLNARFYESSNARWSSDEPWWISGVALTMVIEYMRRSGSKEYLDQVEDVIEVQRQPLSWWPSGEGEFRAD
ATDDTGWWALAMVRMYDLTGNEDYLNISIKDEAYMRQWWTDTECGGGLYVDIQDLTYKNAIANELYLKLVASLANRAPNA
TIYLDRAQQAWTWFLGSGMINGVNLINDGLARDSNTGSCYNNRLPVWTYNQGVILGALVELYHATKDESYLLSAQAIADA
VLSPSNGLTSSSGVLTETCEGSDSCNQDQQVFKGVFALNLAELGDAVAGASSDPDAGQDYREYLDTNMQSMYANDRSEIV
PTLFDSSTGDLYDVSWSGPFRNATMPKQASAIGLYVANI
;
_entity_poly.pdbx_strand_id   A
#
loop_
_chem_comp.id
_chem_comp.type
_chem_comp.name
_chem_comp.formula
FMT non-polymer 'FORMIC ACID' 'C H2 O2'
GOL non-polymer GLYCEROL 'C3 H8 O3'
MAN D-saccharide, alpha linking alpha-D-mannopyranose 'C6 H12 O6'
#
# COMPACT_ATOMS: atom_id res chain seq x y z
N SER A 78 -18.28 19.03 3.69
CA SER A 78 -18.85 19.11 2.35
C SER A 78 -19.23 17.73 1.83
N LEU A 79 -18.33 16.77 2.01
CA LEU A 79 -18.55 15.40 1.57
C LEU A 79 -18.24 14.44 2.70
N ASN A 80 -19.01 13.36 2.79
CA ASN A 80 -18.80 12.33 3.79
C ASN A 80 -17.91 11.25 3.20
N SER A 81 -16.61 11.33 3.48
CA SER A 81 -15.68 10.30 3.01
C SER A 81 -15.98 8.95 3.64
N THR A 82 -16.52 8.94 4.86
CA THR A 82 -16.88 7.67 5.50
C THR A 82 -18.05 7.00 4.79
N GLY A 83 -19.05 7.79 4.37
CA GLY A 83 -20.19 7.21 3.68
C GLY A 83 -19.83 6.66 2.32
N LEU A 84 -18.99 7.38 1.56
CA LEU A 84 -18.58 6.91 0.25
C LEU A 84 -17.60 5.75 0.34
N ALA A 85 -16.83 5.67 1.42
CA ALA A 85 -15.94 4.53 1.60
C ALA A 85 -16.74 3.25 1.82
N GLN A 86 -17.78 3.30 2.64
CA GLN A 86 -18.61 2.12 2.85
C GLN A 86 -19.36 1.73 1.59
N ALA A 87 -19.83 2.72 0.82
CA ALA A 87 -20.50 2.42 -0.44
C ALA A 87 -19.53 1.78 -1.43
N ALA A 88 -18.27 2.21 -1.43
CA ALA A 88 -17.28 1.61 -2.31
C ALA A 88 -16.93 0.18 -1.86
N ILE A 89 -16.86 -0.04 -0.55
CA ILE A 89 -16.60 -1.39 -0.04
C ILE A 89 -17.78 -2.30 -0.34
N ASN A 90 -19.00 -1.77 -0.26
CA ASN A 90 -20.16 -2.58 -0.61
C ASN A 90 -20.18 -2.91 -2.10
N GLY A 91 -19.73 -1.98 -2.94
CA GLY A 91 -19.59 -2.27 -4.36
C GLY A 91 -18.49 -3.26 -4.65
N LEU A 92 -17.41 -3.24 -3.87
CA LEU A 92 -16.37 -4.24 -4.00
C LEU A 92 -16.88 -5.63 -3.64
N ASN A 93 -17.68 -5.72 -2.57
CA ASN A 93 -18.18 -7.02 -2.13
C ASN A 93 -19.27 -7.54 -3.05
N ALA A 94 -20.11 -6.65 -3.59
CA ALA A 94 -21.25 -7.09 -4.38
C ALA A 94 -20.85 -7.67 -5.73
N ARG A 95 -19.71 -7.23 -6.27
CA ARG A 95 -19.30 -7.64 -7.60
C ARG A 95 -18.05 -8.50 -7.64
N PHE A 96 -17.25 -8.54 -6.57
CA PHE A 96 -15.96 -9.21 -6.60
C PHE A 96 -15.69 -10.16 -5.45
N TYR A 97 -16.46 -10.12 -4.37
CA TYR A 97 -16.21 -11.02 -3.25
C TYR A 97 -16.75 -12.41 -3.56
N GLU A 98 -16.00 -13.43 -3.13
CA GLU A 98 -16.38 -14.83 -3.31
C GLU A 98 -16.49 -15.47 -1.94
N SER A 99 -17.74 -15.73 -1.51
CA SER A 99 -17.96 -16.34 -0.21
C SER A 99 -17.44 -17.76 -0.13
N SER A 100 -17.55 -18.52 -1.23
CA SER A 100 -17.10 -19.90 -1.22
C SER A 100 -15.58 -20.02 -1.12
N ASN A 101 -14.84 -18.94 -1.37
CA ASN A 101 -13.39 -18.95 -1.27
C ASN A 101 -12.83 -17.93 -0.31
N ALA A 102 -13.66 -17.07 0.28
CA ALA A 102 -13.23 -16.02 1.21
C ALA A 102 -12.09 -15.19 0.60
N ARG A 103 -12.36 -14.65 -0.59
CA ARG A 103 -11.35 -13.94 -1.36
C ARG A 103 -12.06 -13.11 -2.42
N TRP A 104 -11.47 -11.96 -2.74
CA TRP A 104 -11.98 -11.08 -3.78
C TRP A 104 -11.32 -11.43 -5.11
N SER A 105 -12.14 -11.86 -6.08
CA SER A 105 -11.69 -12.09 -7.45
C SER A 105 -10.51 -13.05 -7.54
N SER A 106 -10.79 -14.36 -7.60
CA SER A 106 -9.72 -15.34 -7.76
C SER A 106 -9.02 -15.22 -9.09
N ASP A 107 -9.64 -14.58 -10.09
CA ASP A 107 -9.02 -14.37 -11.39
C ASP A 107 -8.02 -13.22 -11.39
N GLU A 108 -7.85 -12.54 -10.28
CA GLU A 108 -6.93 -11.43 -10.13
C GLU A 108 -5.78 -11.80 -9.21
N PRO A 109 -4.67 -11.06 -9.22
CA PRO A 109 -3.53 -11.41 -8.38
C PRO A 109 -3.92 -11.54 -6.91
N TRP A 110 -3.32 -12.52 -6.24
CA TRP A 110 -3.64 -12.81 -4.85
C TRP A 110 -3.24 -11.67 -3.93
N TRP A 111 -2.17 -10.94 -4.26
CA TRP A 111 -1.68 -9.90 -3.37
C TRP A 111 -2.61 -8.70 -3.34
N ILE A 112 -3.38 -8.47 -4.41
CA ILE A 112 -4.31 -7.35 -4.40
C ILE A 112 -5.48 -7.64 -3.46
N SER A 113 -5.81 -8.90 -3.25
CA SER A 113 -6.78 -9.25 -2.22
C SER A 113 -6.29 -8.84 -0.84
N GLY A 114 -4.97 -8.91 -0.61
CA GLY A 114 -4.43 -8.42 0.64
C GLY A 114 -4.48 -6.90 0.76
N VAL A 115 -4.32 -6.21 -0.37
CA VAL A 115 -4.48 -4.76 -0.37
C VAL A 115 -5.93 -4.38 -0.07
N ALA A 116 -6.89 -5.09 -0.68
CA ALA A 116 -8.29 -4.85 -0.40
C ALA A 116 -8.60 -5.11 1.07
N LEU A 117 -7.99 -6.13 1.66
CA LEU A 117 -8.16 -6.38 3.10
C LEU A 117 -7.60 -5.23 3.91
N THR A 118 -6.47 -4.68 3.48
CA THR A 118 -5.88 -3.52 4.15
C THR A 118 -6.85 -2.34 4.15
N MET A 119 -7.49 -2.07 3.01
CA MET A 119 -8.36 -0.91 2.91
C MET A 119 -9.60 -1.07 3.79
N VAL A 120 -10.15 -2.29 3.85
CA VAL A 120 -11.32 -2.53 4.67
C VAL A 120 -10.96 -2.41 6.16
N ILE A 121 -9.82 -2.97 6.56
CA ILE A 121 -9.39 -2.86 7.95
C ILE A 121 -9.15 -1.40 8.32
N GLU A 122 -8.48 -0.66 7.44
CA GLU A 122 -8.20 0.75 7.72
C GLU A 122 -9.46 1.60 7.71
N TYR A 123 -10.45 1.25 6.89
CA TYR A 123 -11.74 1.92 6.97
C TYR A 123 -12.35 1.77 8.35
N MET A 124 -12.35 0.54 8.87
CA MET A 124 -12.93 0.28 10.19
C MET A 124 -12.12 0.94 11.29
N ARG A 125 -10.80 1.06 11.09
CA ARG A 125 -9.96 1.68 12.12
C ARG A 125 -10.19 3.18 12.20
N ARG A 126 -10.27 3.85 11.05
CA ARG A 126 -10.41 5.30 11.05
C ARG A 126 -11.85 5.74 11.28
N SER A 127 -12.82 4.90 10.94
CA SER A 127 -14.22 5.23 11.12
C SER A 127 -14.82 4.67 12.41
N GLY A 128 -14.09 3.81 13.12
CA GLY A 128 -14.60 3.20 14.33
C GLY A 128 -15.67 2.15 14.12
N SER A 129 -16.04 1.87 12.87
CA SER A 129 -17.07 0.87 12.58
C SER A 129 -16.50 -0.54 12.62
N LYS A 130 -17.38 -1.52 12.72
CA LYS A 130 -17.02 -2.93 12.75
C LYS A 130 -17.99 -3.74 11.90
N GLU A 131 -18.40 -3.20 10.75
N GLU A 131 -18.44 -3.18 10.78
CA GLU A 131 -19.39 -3.88 9.92
CA GLU A 131 -19.38 -3.89 9.93
C GLU A 131 -18.78 -5.06 9.19
C GLU A 131 -18.73 -5.11 9.28
N TYR A 132 -17.56 -4.92 8.69
CA TYR A 132 -16.89 -5.97 7.92
C TYR A 132 -15.89 -6.76 8.75
N LEU A 133 -16.01 -6.74 10.07
CA LEU A 133 -15.09 -7.50 10.91
C LEU A 133 -15.26 -9.00 10.67
N ASP A 134 -16.49 -9.49 10.72
CA ASP A 134 -16.74 -10.91 10.50
C ASP A 134 -16.22 -11.37 9.13
N GLN A 135 -16.49 -10.59 8.09
CA GLN A 135 -16.04 -10.96 6.75
C GLN A 135 -14.52 -11.01 6.66
N VAL A 136 -13.83 -10.11 7.35
CA VAL A 136 -12.40 -10.00 7.18
C VAL A 136 -11.66 -11.12 7.92
N GLU A 137 -12.16 -11.50 9.11
CA GLU A 137 -11.57 -12.64 9.80
C GLU A 137 -11.76 -13.93 9.01
N ASP A 138 -12.89 -14.06 8.31
CA ASP A 138 -13.08 -15.22 7.44
C ASP A 138 -12.06 -15.25 6.32
N VAL A 139 -11.72 -14.08 5.78
CA VAL A 139 -10.72 -14.02 4.72
C VAL A 139 -9.35 -14.44 5.27
N ILE A 140 -8.98 -13.92 6.44
CA ILE A 140 -7.68 -14.24 7.02
C ILE A 140 -7.58 -15.73 7.30
N GLU A 141 -8.59 -16.30 7.95
CA GLU A 141 -8.54 -17.71 8.34
C GLU A 141 -8.32 -18.61 7.13
N VAL A 142 -8.92 -18.26 5.99
CA VAL A 142 -8.77 -19.09 4.80
C VAL A 142 -7.44 -18.83 4.11
N GLN A 143 -7.05 -17.57 3.96
CA GLN A 143 -5.79 -17.25 3.30
C GLN A 143 -4.58 -17.49 4.20
N ARG A 144 -4.79 -17.78 5.49
CA ARG A 144 -3.69 -18.20 6.35
C ARG A 144 -3.12 -19.55 5.90
N GLN A 145 -3.97 -20.40 5.32
CA GLN A 145 -3.61 -21.78 5.05
C GLN A 145 -2.46 -21.86 4.05
N PRO A 146 -1.71 -22.98 4.04
CA PRO A 146 -0.65 -23.15 3.05
C PRO A 146 -1.16 -22.96 1.62
N LEU A 147 -0.52 -22.05 0.90
CA LEU A 147 -0.96 -21.74 -0.46
C LEU A 147 -0.70 -22.92 -1.39
N SER A 148 -1.68 -23.20 -2.26
CA SER A 148 -1.56 -24.34 -3.16
C SER A 148 -0.43 -24.16 -4.16
N TRP A 149 -0.08 -22.91 -4.49
CA TRP A 149 1.01 -22.63 -5.41
C TRP A 149 2.35 -22.43 -4.70
N TRP A 150 2.38 -22.49 -3.37
CA TRP A 150 3.63 -22.39 -2.60
C TRP A 150 3.48 -23.12 -1.29
N PRO A 151 3.52 -24.45 -1.30
CA PRO A 151 3.38 -25.20 -0.05
C PRO A 151 4.57 -25.05 0.88
N SER A 152 5.77 -24.81 0.33
CA SER A 152 6.96 -24.68 1.17
C SER A 152 6.87 -23.50 2.12
N GLY A 153 6.05 -22.49 1.79
CA GLY A 153 5.87 -21.37 2.70
C GLY A 153 5.18 -21.73 4.00
N GLU A 154 4.47 -22.86 4.03
CA GLU A 154 3.80 -23.35 5.23
C GLU A 154 2.78 -22.33 5.75
N GLY A 155 2.05 -21.72 4.83
CA GLY A 155 0.97 -20.82 5.21
C GLY A 155 1.45 -19.53 5.86
N GLU A 156 0.53 -18.93 6.62
CA GLU A 156 0.77 -17.66 7.30
C GLU A 156 1.22 -16.58 6.32
N PHE A 157 0.65 -16.61 5.11
CA PHE A 157 0.86 -15.63 4.05
C PHE A 157 2.26 -15.65 3.47
N ARG A 158 3.06 -16.69 3.74
CA ARG A 158 4.40 -16.80 3.19
C ARG A 158 4.29 -17.39 1.78
N ALA A 159 4.49 -16.56 0.77
CA ALA A 159 4.26 -16.91 -0.62
C ALA A 159 5.59 -17.05 -1.37
N ASP A 160 5.48 -17.26 -2.68
CA ASP A 160 6.64 -17.41 -3.56
C ASP A 160 7.25 -16.07 -3.97
N ALA A 161 6.81 -14.97 -3.37
CA ALA A 161 7.37 -13.66 -3.65
C ALA A 161 7.34 -12.83 -2.38
N THR A 162 8.43 -12.11 -2.12
CA THR A 162 8.53 -11.38 -0.87
C THR A 162 7.54 -10.21 -0.82
N ASP A 163 7.22 -9.61 -1.96
CA ASP A 163 6.26 -8.51 -1.95
C ASP A 163 4.85 -9.02 -1.68
N ASP A 164 4.50 -10.19 -2.21
CA ASP A 164 3.20 -10.78 -1.91
C ASP A 164 3.04 -11.01 -0.41
N THR A 165 4.07 -11.55 0.24
CA THR A 165 4.04 -11.71 1.69
C THR A 165 3.99 -10.36 2.40
N GLY A 166 4.65 -9.35 1.84
CA GLY A 166 4.72 -8.06 2.50
C GLY A 166 3.36 -7.36 2.59
N TRP A 167 2.57 -7.46 1.51
CA TRP A 167 1.24 -6.83 1.52
C TRP A 167 0.37 -7.44 2.61
N TRP A 168 0.35 -8.77 2.73
CA TRP A 168 -0.46 -9.40 3.76
C TRP A 168 0.12 -9.17 5.16
N ALA A 169 1.45 -9.08 5.27
CA ALA A 169 2.06 -8.82 6.57
C ALA A 169 1.65 -7.46 7.12
N LEU A 170 1.66 -6.43 6.27
CA LEU A 170 1.24 -5.11 6.71
C LEU A 170 -0.24 -5.05 7.01
N ALA A 171 -1.04 -5.88 6.32
CA ALA A 171 -2.46 -5.97 6.66
C ALA A 171 -2.67 -6.55 8.05
N MET A 172 -1.82 -7.48 8.47
CA MET A 172 -1.93 -8.02 9.83
C MET A 172 -1.50 -7.01 10.87
N VAL A 173 -0.53 -6.15 10.54
CA VAL A 173 -0.15 -5.07 11.46
C VAL A 173 -1.34 -4.14 11.69
N ARG A 174 -2.10 -3.86 10.62
CA ARG A 174 -3.26 -3.00 10.75
C ARG A 174 -4.39 -3.69 11.51
N MET A 175 -4.57 -5.00 11.29
CA MET A 175 -5.56 -5.72 12.07
C MET A 175 -5.17 -5.80 13.55
N TYR A 176 -3.88 -5.92 13.83
CA TYR A 176 -3.45 -5.90 15.22
C TYR A 176 -3.71 -4.53 15.84
N ASP A 177 -3.58 -3.46 15.06
CA ASP A 177 -3.88 -2.13 15.56
C ASP A 177 -5.37 -1.95 15.79
N LEU A 178 -6.20 -2.61 15.00
CA LEU A 178 -7.66 -2.44 15.13
C LEU A 178 -8.21 -3.28 16.27
N THR A 179 -7.77 -4.53 16.40
CA THR A 179 -8.34 -5.46 17.37
C THR A 179 -7.49 -5.62 18.62
N GLY A 180 -6.17 -5.45 18.53
CA GLY A 180 -5.31 -5.73 19.66
C GLY A 180 -5.01 -7.19 19.89
N ASN A 181 -5.47 -8.08 19.00
CA ASN A 181 -5.21 -9.50 19.14
C ASN A 181 -3.76 -9.80 18.77
N GLU A 182 -3.03 -10.41 19.71
CA GLU A 182 -1.62 -10.73 19.48
C GLU A 182 -1.43 -11.73 18.34
N ASP A 183 -2.47 -12.53 18.03
CA ASP A 183 -2.36 -13.49 16.93
C ASP A 183 -1.94 -12.82 15.63
N TYR A 184 -2.54 -11.66 15.32
CA TYR A 184 -2.21 -11.00 14.05
C TYR A 184 -0.79 -10.44 14.06
N LEU A 185 -0.34 -9.95 15.23
CA LEU A 185 1.04 -9.48 15.31
C LEU A 185 2.02 -10.62 15.15
N ASN A 186 1.67 -11.82 15.62
CA ASN A 186 2.56 -12.98 15.45
C ASN A 186 2.70 -13.36 13.98
N ILE A 187 1.66 -13.14 13.18
CA ILE A 187 1.77 -13.41 11.75
C ILE A 187 2.80 -12.48 11.11
N SER A 188 2.73 -11.18 11.43
CA SER A 188 3.70 -10.22 10.89
C SER A 188 5.11 -10.55 11.33
N ILE A 189 5.28 -11.07 12.55
CA ILE A 189 6.61 -11.48 13.00
C ILE A 189 7.11 -12.66 12.19
N LYS A 190 6.24 -13.66 11.96
CA LYS A 190 6.61 -14.80 11.11
C LYS A 190 6.93 -14.33 9.69
N ASP A 191 6.21 -13.33 9.20
CA ASP A 191 6.44 -12.84 7.84
C ASP A 191 7.74 -12.06 7.73
N GLU A 192 8.14 -11.35 8.79
CA GLU A 192 9.40 -10.63 8.78
C GLU A 192 10.57 -11.60 8.70
N ALA A 193 10.57 -12.63 9.54
CA ALA A 193 11.65 -13.61 9.50
C ALA A 193 11.68 -14.36 8.18
N TYR A 194 10.51 -14.58 7.57
CA TYR A 194 10.46 -15.25 6.28
C TYR A 194 11.08 -14.38 5.20
N MET A 195 10.73 -13.09 5.17
CA MET A 195 11.26 -12.20 4.13
C MET A 195 12.75 -11.97 4.29
N ARG A 196 13.24 -11.91 5.55
CA ARG A 196 14.66 -11.68 5.80
C ARG A 196 15.53 -12.78 5.20
N GLN A 197 14.97 -13.96 4.96
CA GLN A 197 15.74 -15.07 4.40
C GLN A 197 16.37 -14.72 3.07
N TRP A 198 15.81 -13.75 2.34
CA TRP A 198 16.32 -13.38 1.03
C TRP A 198 16.99 -12.00 1.03
N TRP A 199 17.32 -11.48 2.21
CA TRP A 199 18.17 -10.30 2.31
C TRP A 199 19.62 -10.74 2.21
N THR A 200 20.36 -10.19 1.25
CA THR A 200 21.75 -10.53 1.03
C THR A 200 22.59 -9.27 1.01
N ASP A 201 23.72 -9.29 1.72
CA ASP A 201 24.70 -8.22 1.67
C ASP A 201 25.73 -8.43 0.57
N THR A 202 25.70 -9.57 -0.12
CA THR A 202 26.69 -9.88 -1.14
C THR A 202 26.34 -9.27 -2.50
N GLU A 203 25.08 -8.88 -2.72
CA GLU A 203 24.70 -8.14 -3.91
C GLU A 203 24.04 -6.82 -3.49
N CYS A 204 24.44 -5.74 -4.16
CA CYS A 204 23.94 -4.38 -3.92
C CYS A 204 24.20 -3.90 -2.50
N GLY A 205 25.07 -4.57 -1.75
CA GLY A 205 25.34 -4.19 -0.39
C GLY A 205 24.18 -4.32 0.57
N GLY A 206 23.12 -5.02 0.19
CA GLY A 206 21.95 -5.15 1.03
C GLY A 206 20.72 -5.38 0.18
N GLY A 207 19.56 -5.20 0.80
CA GLY A 207 18.29 -5.38 0.14
C GLY A 207 17.95 -6.84 -0.08
N LEU A 208 16.65 -7.10 -0.28
CA LEU A 208 16.16 -8.45 -0.53
C LEU A 208 15.63 -8.56 -1.96
N TYR A 209 15.54 -9.81 -2.42
CA TYR A 209 14.99 -10.10 -3.74
C TYR A 209 13.47 -10.18 -3.66
N VAL A 210 12.84 -10.00 -4.83
CA VAL A 210 11.39 -10.12 -4.95
C VAL A 210 10.99 -11.49 -5.52
N ASP A 211 11.78 -12.01 -6.46
CA ASP A 211 11.53 -13.32 -7.06
C ASP A 211 12.25 -14.37 -6.24
N ILE A 212 11.51 -15.05 -5.36
CA ILE A 212 12.12 -16.04 -4.47
C ILE A 212 12.71 -17.19 -5.27
N GLN A 213 11.99 -17.63 -6.32
CA GLN A 213 12.43 -18.79 -7.09
C GLN A 213 13.61 -18.50 -8.00
N ASP A 214 13.86 -17.24 -8.34
CA ASP A 214 14.90 -16.91 -9.32
C ASP A 214 16.01 -16.04 -8.76
N LEU A 215 15.70 -15.09 -7.87
CA LEU A 215 16.68 -14.21 -7.25
C LEU A 215 17.47 -13.42 -8.32
N THR A 216 16.71 -12.62 -9.09
CA THR A 216 17.31 -11.81 -10.14
C THR A 216 16.91 -10.33 -10.07
N TYR A 217 16.12 -9.93 -9.07
CA TYR A 217 15.61 -8.56 -9.04
C TYR A 217 15.46 -8.12 -7.59
N LYS A 218 16.13 -7.02 -7.24
CA LYS A 218 15.92 -6.32 -5.97
C LYS A 218 15.21 -5.01 -6.32
N ASN A 219 13.89 -5.05 -6.37
CA ASN A 219 13.11 -3.89 -6.79
C ASN A 219 12.80 -3.01 -5.58
N ALA A 220 12.01 -1.95 -5.82
CA ALA A 220 11.73 -0.98 -4.78
C ALA A 220 10.58 -1.43 -3.87
N ILE A 221 9.55 -2.05 -4.45
CA ILE A 221 8.34 -2.33 -3.68
C ILE A 221 8.62 -3.40 -2.61
N ALA A 222 9.37 -4.44 -2.96
CA ALA A 222 9.64 -5.50 -1.98
C ALA A 222 10.47 -4.98 -0.82
N ASN A 223 11.39 -4.05 -1.09
CA ASN A 223 12.18 -3.47 -0.02
C ASN A 223 11.43 -2.39 0.73
N GLU A 224 10.48 -1.72 0.08
CA GLU A 224 9.67 -0.72 0.78
C GLU A 224 8.65 -1.37 1.69
N LEU A 225 8.04 -2.48 1.25
CA LEU A 225 7.13 -3.21 2.11
C LEU A 225 7.86 -3.80 3.31
N TYR A 226 9.05 -4.34 3.10
CA TYR A 226 9.81 -4.89 4.21
C TYR A 226 10.23 -3.80 5.19
N LEU A 227 10.69 -2.65 4.67
CA LEU A 227 11.12 -1.56 5.54
C LEU A 227 9.98 -1.08 6.43
N LYS A 228 8.78 -0.96 5.86
CA LYS A 228 7.63 -0.56 6.66
C LYS A 228 7.24 -1.64 7.65
N LEU A 229 7.55 -2.90 7.36
CA LEU A 229 7.21 -3.98 8.27
C LEU A 229 8.12 -3.98 9.50
N VAL A 230 9.44 -3.90 9.29
CA VAL A 230 10.35 -3.87 10.43
C VAL A 230 10.17 -2.59 11.24
N ALA A 231 9.87 -1.47 10.56
CA ALA A 231 9.60 -0.24 11.28
C ALA A 231 8.31 -0.33 12.09
N SER A 232 7.30 -1.05 11.57
CA SER A 232 6.07 -1.23 12.32
C SER A 232 6.27 -2.15 13.51
N LEU A 233 7.04 -3.24 13.33
CA LEU A 233 7.31 -4.14 14.44
C LEU A 233 8.15 -3.47 15.52
N ALA A 234 8.98 -2.49 15.13
CA ALA A 234 9.76 -1.74 16.10
C ALA A 234 8.89 -0.93 17.05
N ASN A 235 7.60 -0.77 16.75
CA ASN A 235 6.68 -0.04 17.60
C ASN A 235 5.65 -0.93 18.29
N ARG A 236 5.61 -2.22 17.98
CA ARG A 236 4.56 -3.08 18.49
C ARG A 236 5.10 -4.40 19.05
N ALA A 237 6.17 -4.92 18.44
CA ALA A 237 6.68 -6.23 18.84
C ALA A 237 7.38 -6.15 20.20
N PRO A 238 7.37 -7.24 20.97
CA PRO A 238 8.07 -7.21 22.27
C PRO A 238 9.57 -6.95 22.13
N ASN A 239 10.26 -7.73 21.30
CA ASN A 239 11.68 -7.51 21.03
C ASN A 239 11.79 -6.52 19.88
N ALA A 240 11.58 -5.24 20.21
CA ALA A 240 11.49 -4.19 19.21
C ALA A 240 12.83 -3.57 18.86
N THR A 241 13.87 -3.81 19.66
CA THR A 241 15.17 -3.18 19.39
C THR A 241 15.80 -3.75 18.12
N ILE A 242 15.69 -5.06 17.91
CA ILE A 242 16.27 -5.66 16.71
C ILE A 242 15.53 -5.19 15.47
N TYR A 243 14.22 -5.00 15.58
CA TYR A 243 13.44 -4.50 14.43
C TYR A 243 13.76 -3.04 14.13
N LEU A 244 14.10 -2.27 15.16
CA LEU A 244 14.51 -0.89 14.92
C LEU A 244 15.87 -0.84 14.24
N ASP A 245 16.80 -1.69 14.67
CA ASP A 245 18.11 -1.77 14.02
C ASP A 245 17.99 -2.26 12.59
N ARG A 246 17.11 -3.24 12.36
CA ARG A 246 16.90 -3.73 10.99
C ARG A 246 16.26 -2.65 10.12
N ALA A 247 15.35 -1.86 10.68
CA ALA A 247 14.70 -0.80 9.91
C ALA A 247 15.67 0.34 9.65
N GLN A 248 16.52 0.67 10.63
CA GLN A 248 17.48 1.76 10.44
C GLN A 248 18.53 1.39 9.40
N GLN A 249 18.99 0.13 9.40
CA GLN A 249 19.95 -0.30 8.40
C GLN A 249 19.30 -0.51 7.03
N ALA A 250 18.00 -0.78 6.99
CA ALA A 250 17.32 -0.94 5.71
C ALA A 250 17.09 0.40 5.03
N TRP A 251 16.70 1.43 5.80
CA TRP A 251 16.55 2.75 5.22
C TRP A 251 17.88 3.31 4.76
N THR A 252 18.96 3.01 5.49
CA THR A 252 20.29 3.46 5.07
C THR A 252 20.67 2.84 3.73
N TRP A 253 20.37 1.55 3.54
CA TRP A 253 20.66 0.91 2.26
C TRP A 253 19.77 1.48 1.16
N PHE A 254 18.49 1.68 1.44
CA PHE A 254 17.57 2.18 0.43
C PHE A 254 17.95 3.57 -0.04
N LEU A 255 18.29 4.45 0.90
CA LEU A 255 18.65 5.82 0.54
C LEU A 255 19.94 5.86 -0.26
N GLY A 256 20.89 4.98 0.07
CA GLY A 256 22.14 4.90 -0.64
C GLY A 256 22.14 3.99 -1.84
N SER A 257 21.01 3.35 -2.16
CA SER A 257 20.94 2.44 -3.29
C SER A 257 20.85 3.15 -4.63
N GLY A 258 20.39 4.40 -4.64
CA GLY A 258 20.19 5.13 -5.87
C GLY A 258 18.79 5.07 -6.45
N MET A 259 17.90 4.29 -5.84
CA MET A 259 16.53 4.20 -6.34
C MET A 259 15.80 5.53 -6.24
N ILE A 260 16.14 6.35 -5.26
CA ILE A 260 15.62 7.71 -5.16
C ILE A 260 16.47 8.59 -6.08
N ASN A 261 15.86 9.10 -7.14
CA ASN A 261 16.60 9.80 -8.18
C ASN A 261 16.79 11.28 -7.86
N GLY A 262 17.11 12.08 -8.87
CA GLY A 262 17.46 13.48 -8.66
C GLY A 262 16.30 14.37 -8.27
N VAL A 263 15.08 13.98 -8.59
CA VAL A 263 13.90 14.77 -8.24
C VAL A 263 13.17 14.17 -7.03
N ASN A 264 13.86 13.36 -6.22
CA ASN A 264 13.29 12.76 -5.02
C ASN A 264 12.12 11.82 -5.33
N LEU A 265 12.16 11.20 -6.50
CA LEU A 265 11.22 10.15 -6.86
C LEU A 265 11.94 8.81 -6.90
N ILE A 266 11.17 7.74 -6.72
CA ILE A 266 11.71 6.39 -6.59
C ILE A 266 11.39 5.61 -7.86
N ASN A 267 12.43 5.21 -8.58
CA ASN A 267 12.27 4.33 -9.74
C ASN A 267 11.89 2.93 -9.27
N ASP A 268 11.72 2.02 -10.24
CA ASP A 268 11.11 0.73 -9.94
C ASP A 268 12.07 -0.22 -9.23
N GLY A 269 13.34 -0.25 -9.61
CA GLY A 269 14.24 -1.21 -9.03
C GLY A 269 15.69 -0.93 -9.33
N LEU A 270 16.51 -1.97 -9.17
CA LEU A 270 17.95 -1.89 -9.35
C LEU A 270 18.41 -2.83 -10.45
N ALA A 271 19.48 -2.44 -11.13
CA ALA A 271 20.13 -3.27 -12.14
C ALA A 271 21.56 -3.54 -11.70
N ARG A 272 22.08 -4.69 -12.10
CA ARG A 272 23.41 -5.13 -11.72
C ARG A 272 24.37 -5.00 -12.89
N ASP A 273 25.56 -4.45 -12.61
CA ASP A 273 26.58 -4.32 -13.64
C ASP A 273 27.05 -5.70 -14.10
N SER A 274 27.24 -5.82 -15.42
CA SER A 274 27.62 -7.12 -15.98
C SER A 274 29.03 -7.52 -15.59
N ASN A 275 29.93 -6.56 -15.42
CA ASN A 275 31.33 -6.84 -15.13
C ASN A 275 31.74 -6.50 -13.71
N THR A 276 31.29 -5.37 -13.17
CA THR A 276 31.72 -4.92 -11.86
C THR A 276 30.88 -5.45 -10.72
N GLY A 277 29.62 -5.84 -10.99
CA GLY A 277 28.74 -6.33 -9.95
C GLY A 277 28.03 -5.26 -9.14
N SER A 278 28.41 -4.00 -9.27
CA SER A 278 27.75 -2.94 -8.54
C SER A 278 26.34 -2.72 -9.10
N CYS A 279 25.44 -2.29 -8.22
CA CYS A 279 24.04 -2.09 -8.58
C CYS A 279 23.77 -0.61 -8.80
N TYR A 280 22.79 -0.32 -9.66
CA TYR A 280 22.44 1.05 -9.99
C TYR A 280 20.96 1.14 -10.36
N ASN A 281 20.44 2.37 -10.28
CA ASN A 281 19.06 2.63 -10.67
C ASN A 281 18.82 2.19 -12.11
N ASN A 282 17.80 1.37 -12.31
CA ASN A 282 17.48 0.85 -13.64
C ASN A 282 16.64 1.79 -14.47
N ARG A 283 16.25 2.94 -13.93
CA ARG A 283 15.49 3.96 -14.65
C ARG A 283 14.18 3.41 -15.20
N LEU A 284 13.59 2.44 -14.50
CA LEU A 284 12.30 1.90 -14.87
C LEU A 284 11.20 2.86 -14.41
N PRO A 285 9.96 2.68 -14.89
CA PRO A 285 8.91 3.68 -14.62
C PRO A 285 8.75 4.03 -13.15
N VAL A 286 8.26 5.23 -12.90
CA VAL A 286 8.03 5.75 -11.56
C VAL A 286 6.57 5.46 -11.23
N TRP A 287 6.33 4.46 -10.38
CA TRP A 287 4.98 4.06 -10.03
C TRP A 287 4.56 4.75 -8.73
N THR A 288 3.26 5.07 -8.65
CA THR A 288 2.76 5.86 -7.53
C THR A 288 2.90 5.10 -6.21
N TYR A 289 2.66 3.79 -6.23
CA TYR A 289 2.72 3.02 -4.99
C TYR A 289 4.15 2.82 -4.49
N ASN A 290 5.15 3.06 -5.34
CA ASN A 290 6.54 3.07 -4.91
C ASN A 290 6.94 4.39 -4.26
N GLN A 291 6.06 5.38 -4.26
CA GLN A 291 6.28 6.63 -3.54
C GLN A 291 5.36 6.76 -2.33
N GLY A 292 4.62 5.70 -2.01
CA GLY A 292 3.70 5.73 -0.88
C GLY A 292 4.16 4.84 0.26
N VAL A 293 4.42 3.57 -0.02
CA VAL A 293 4.85 2.63 1.02
C VAL A 293 6.08 3.15 1.74
N ILE A 294 6.96 3.86 1.05
CA ILE A 294 8.13 4.44 1.70
C ILE A 294 7.73 5.53 2.69
N LEU A 295 6.61 6.21 2.45
CA LEU A 295 6.18 7.25 3.36
C LEU A 295 5.74 6.66 4.70
N GLY A 296 4.92 5.61 4.65
CA GLY A 296 4.52 4.95 5.89
C GLY A 296 5.69 4.36 6.65
N ALA A 297 6.71 3.87 5.93
CA ALA A 297 7.90 3.36 6.58
C ALA A 297 8.63 4.46 7.35
N LEU A 298 8.75 5.64 6.74
CA LEU A 298 9.43 6.75 7.40
C LEU A 298 8.58 7.32 8.54
N VAL A 299 7.26 7.19 8.44
CA VAL A 299 6.40 7.62 9.55
C VAL A 299 6.60 6.71 10.75
N GLU A 300 6.61 5.38 10.52
CA GLU A 300 6.85 4.44 11.61
C GLU A 300 8.26 4.60 12.18
N LEU A 301 9.23 4.89 11.32
CA LEU A 301 10.59 5.13 11.80
C LEU A 301 10.67 6.38 12.67
N TYR A 302 9.79 7.35 12.44
CA TYR A 302 9.74 8.53 13.29
C TYR A 302 9.03 8.23 14.61
N HIS A 303 7.96 7.45 14.58
CA HIS A 303 7.25 7.12 15.81
C HIS A 303 8.12 6.31 16.75
N ALA A 304 9.08 5.56 16.22
CA ALA A 304 9.97 4.75 17.04
C ALA A 304 11.21 5.49 17.51
N THR A 305 11.56 6.60 16.87
CA THR A 305 12.76 7.36 17.23
C THR A 305 12.47 8.80 17.62
N LYS A 306 11.28 9.32 17.35
CA LYS A 306 10.94 10.73 17.57
C LYS A 306 11.92 11.65 16.84
N ASP A 307 12.46 11.18 15.72
CA ASP A 307 13.39 11.95 14.90
C ASP A 307 12.63 12.53 13.72
N GLU A 308 12.40 13.84 13.74
CA GLU A 308 11.69 14.51 12.67
C GLU A 308 12.41 14.45 11.34
N SER A 309 13.67 14.00 11.33
CA SER A 309 14.40 13.83 10.07
C SER A 309 13.73 12.81 9.16
N TYR A 310 13.08 11.79 9.73
CA TYR A 310 12.41 10.80 8.91
C TYR A 310 11.19 11.39 8.21
N LEU A 311 10.43 12.23 8.91
CA LEU A 311 9.31 12.93 8.28
C LEU A 311 9.79 13.85 7.17
N LEU A 312 10.86 14.62 7.42
CA LEU A 312 11.36 15.55 6.41
C LEU A 312 11.77 14.81 5.13
N SER A 313 12.32 13.61 5.27
CA SER A 313 12.62 12.79 4.09
C SER A 313 11.33 12.35 3.40
N ALA A 314 10.31 11.98 4.18
CA ALA A 314 9.04 11.57 3.59
C ALA A 314 8.33 12.75 2.93
N GLN A 315 8.44 13.95 3.52
CA GLN A 315 7.81 15.13 2.93
C GLN A 315 8.46 15.49 1.60
N ALA A 316 9.76 15.26 1.45
CA ALA A 316 10.42 15.54 0.18
C ALA A 316 9.93 14.61 -0.92
N ILE A 317 9.77 13.32 -0.60
CA ILE A 317 9.24 12.38 -1.58
C ILE A 317 7.81 12.72 -1.95
N ALA A 318 7.00 13.07 -0.95
CA ALA A 318 5.61 13.45 -1.21
C ALA A 318 5.55 14.72 -2.06
N ASP A 319 6.30 15.75 -1.66
CA ASP A 319 6.28 17.01 -2.39
C ASP A 319 6.66 16.83 -3.85
N ALA A 320 7.56 15.88 -4.15
CA ALA A 320 7.90 15.60 -5.54
C ALA A 320 6.71 15.04 -6.30
N VAL A 321 5.94 14.14 -5.68
CA VAL A 321 4.73 13.63 -6.30
C VAL A 321 3.69 14.73 -6.43
N LEU A 322 3.65 15.65 -5.47
CA LEU A 322 2.66 16.72 -5.48
C LEU A 322 2.90 17.72 -6.60
N SER A 323 4.15 17.88 -7.03
CA SER A 323 4.47 18.89 -8.03
C SER A 323 3.99 18.45 -9.41
N PRO A 324 3.18 19.26 -10.10
CA PRO A 324 2.75 18.88 -11.46
C PRO A 324 3.89 18.78 -12.46
N SER A 325 5.04 19.39 -12.16
CA SER A 325 6.18 19.33 -13.07
C SER A 325 6.81 17.94 -13.15
N ASN A 326 6.42 17.02 -12.28
CA ASN A 326 6.99 15.68 -12.27
C ASN A 326 6.12 14.65 -12.98
N GLY A 327 4.96 15.07 -13.51
CA GLY A 327 4.12 14.19 -14.30
C GLY A 327 3.16 13.33 -13.51
N LEU A 328 3.32 13.22 -12.19
CA LEU A 328 2.41 12.39 -11.41
C LEU A 328 1.13 13.14 -11.04
N THR A 329 1.21 14.46 -10.88
CA THR A 329 0.06 15.28 -10.58
C THR A 329 -0.35 16.04 -11.83
N SER A 330 -1.62 15.93 -12.22
CA SER A 330 -2.10 16.55 -13.44
C SER A 330 -2.26 18.06 -13.24
N SER A 331 -2.60 18.74 -14.33
CA SER A 331 -2.84 20.18 -14.26
C SER A 331 -4.06 20.51 -13.40
N SER A 332 -5.03 19.60 -13.36
CA SER A 332 -6.19 19.75 -12.49
C SER A 332 -5.89 19.36 -11.05
N GLY A 333 -4.68 18.90 -10.75
CA GLY A 333 -4.35 18.48 -9.41
C GLY A 333 -4.80 17.08 -9.06
N VAL A 334 -4.94 16.21 -10.07
CA VAL A 334 -5.39 14.83 -9.88
C VAL A 334 -4.22 13.89 -10.08
N LEU A 335 -4.09 12.93 -9.18
CA LEU A 335 -3.04 11.93 -9.30
C LEU A 335 -3.29 11.04 -10.51
N THR A 336 -2.26 10.84 -11.33
CA THR A 336 -2.38 10.11 -12.58
C THR A 336 -1.23 9.11 -12.68
N GLU A 337 -1.57 7.84 -12.84
CA GLU A 337 -0.56 6.82 -13.10
C GLU A 337 0.01 7.00 -14.50
N THR A 338 1.27 6.60 -14.66
CA THR A 338 1.98 6.85 -15.91
C THR A 338 1.42 6.04 -17.08
N CYS A 339 0.60 5.02 -16.81
CA CYS A 339 0.01 4.22 -17.86
C CYS A 339 -1.38 4.70 -18.26
N GLU A 340 -1.94 5.68 -17.56
CA GLU A 340 -3.31 6.12 -17.84
C GLU A 340 -3.39 6.83 -19.19
N GLY A 341 -2.34 7.50 -19.61
CA GLY A 341 -2.38 8.21 -20.88
C GLY A 341 -2.54 7.28 -22.07
N SER A 342 -1.81 6.18 -22.07
CA SER A 342 -1.87 5.20 -23.15
C SER A 342 -2.95 4.15 -22.94
N ASP A 343 -3.70 4.23 -21.84
CA ASP A 343 -4.74 3.25 -21.52
C ASP A 343 -4.17 1.83 -21.51
N SER A 344 -3.11 1.64 -20.74
CA SER A 344 -2.43 0.35 -20.67
C SER A 344 -2.12 -0.08 -19.24
N CYS A 345 -2.87 0.43 -18.27
CA CYS A 345 -2.68 0.03 -16.88
C CYS A 345 -3.17 -1.40 -16.68
N ASN A 346 -2.27 -2.31 -16.33
CA ASN A 346 -2.60 -3.71 -16.22
C ASN A 346 -3.27 -3.99 -14.87
N GLN A 347 -3.38 -5.27 -14.50
CA GLN A 347 -4.09 -5.63 -13.28
C GLN A 347 -3.36 -5.14 -12.03
N ASP A 348 -2.04 -5.00 -12.09
CA ASP A 348 -1.30 -4.52 -10.92
C ASP A 348 -1.40 -3.00 -10.79
N GLN A 349 -1.16 -2.28 -11.89
CA GLN A 349 -1.09 -0.82 -11.86
C GLN A 349 -2.43 -0.15 -11.56
N GLN A 350 -3.54 -0.88 -11.68
CA GLN A 350 -4.85 -0.29 -11.39
C GLN A 350 -5.03 0.02 -9.91
N VAL A 351 -4.25 -0.61 -9.03
CA VAL A 351 -4.40 -0.44 -7.59
C VAL A 351 -3.31 0.44 -6.99
N PHE A 352 -2.36 0.91 -7.80
CA PHE A 352 -1.21 1.63 -7.27
C PHE A 352 -1.63 2.93 -6.59
N LYS A 353 -2.60 3.65 -7.18
CA LYS A 353 -2.90 5.00 -6.71
C LYS A 353 -3.49 5.00 -5.31
N GLY A 354 -4.37 4.04 -5.01
CA GLY A 354 -4.96 3.98 -3.68
C GLY A 354 -3.94 3.71 -2.60
N VAL A 355 -2.89 2.95 -2.93
CA VAL A 355 -1.85 2.64 -1.94
C VAL A 355 -1.12 3.92 -1.53
N PHE A 356 -0.83 4.79 -2.51
CA PHE A 356 -0.13 6.04 -2.19
C PHE A 356 -1.01 6.96 -1.35
N ALA A 357 -2.30 7.05 -1.70
CA ALA A 357 -3.19 7.95 -0.98
C ALA A 357 -3.29 7.60 0.50
N LEU A 358 -3.43 6.31 0.81
CA LEU A 358 -3.54 5.89 2.20
C LEU A 358 -2.26 6.18 2.97
N ASN A 359 -1.10 5.97 2.34
CA ASN A 359 0.17 6.27 2.99
C ASN A 359 0.39 7.76 3.12
N LEU A 360 -0.09 8.56 2.15
CA LEU A 360 0.01 10.00 2.26
C LEU A 360 -0.81 10.54 3.43
N ALA A 361 -1.95 9.91 3.72
CA ALA A 361 -2.73 10.28 4.89
C ALA A 361 -1.98 9.95 6.18
N GLU A 362 -1.21 8.86 6.19
CA GLU A 362 -0.38 8.54 7.35
C GLU A 362 0.70 9.60 7.54
N LEU A 363 1.30 10.08 6.46
CA LEU A 363 2.33 11.09 6.57
C LEU A 363 1.74 12.43 7.03
N GLY A 364 0.57 12.79 6.50
CA GLY A 364 -0.05 14.04 6.91
C GLY A 364 -0.46 14.04 8.37
N ASP A 365 -0.95 12.89 8.87
CA ASP A 365 -1.35 12.80 10.27
C ASP A 365 -0.15 12.93 11.20
N ALA A 366 0.98 12.33 10.83
CA ALA A 366 2.18 12.45 11.65
C ALA A 366 2.75 13.86 11.61
N VAL A 367 2.66 14.53 10.46
CA VAL A 367 3.20 15.89 10.35
C VAL A 367 2.36 16.86 11.17
N ALA A 368 1.03 16.72 11.13
CA ALA A 368 0.17 17.61 11.89
C ALA A 368 0.34 17.44 13.39
N GLY A 369 0.72 16.25 13.84
CA GLY A 369 0.92 16.00 15.25
C GLY A 369 2.31 16.34 15.75
N ALA A 370 3.28 16.34 14.84
CA ALA A 370 4.67 16.62 15.20
C ALA A 370 4.95 18.11 15.39
N SER A 371 3.99 18.98 15.08
CA SER A 371 4.19 20.42 15.18
C SER A 371 2.94 21.06 15.77
N SER A 372 3.05 22.35 16.08
CA SER A 372 1.96 23.11 16.66
C SER A 372 1.21 23.98 15.64
N ASP A 373 1.74 24.11 14.43
CA ASP A 373 1.09 24.90 13.40
C ASP A 373 -0.20 24.20 12.97
N PRO A 374 -1.36 24.87 13.05
CA PRO A 374 -2.60 24.23 12.56
C PRO A 374 -2.57 23.91 11.08
N ASP A 375 -1.77 24.64 10.30
CA ASP A 375 -1.65 24.39 8.87
C ASP A 375 -0.66 23.28 8.54
N ALA A 376 -0.17 22.55 9.54
CA ALA A 376 0.79 21.49 9.30
C ALA A 376 0.13 20.34 8.54
N GLY A 377 0.78 19.88 7.48
CA GLY A 377 0.26 18.81 6.67
C GLY A 377 -1.01 19.13 5.92
N GLN A 378 -1.41 20.41 5.87
CA GLN A 378 -2.65 20.77 5.19
C GLN A 378 -2.53 20.65 3.68
N ASP A 379 -1.30 20.76 3.14
CA ASP A 379 -1.12 20.56 1.71
C ASP A 379 -1.47 19.13 1.31
N TYR A 380 -1.17 18.16 2.18
CA TYR A 380 -1.47 16.77 1.88
C TYR A 380 -2.96 16.46 2.07
N ARG A 381 -3.62 17.11 3.03
CA ARG A 381 -5.05 16.90 3.21
C ARG A 381 -5.85 17.49 2.07
N GLU A 382 -5.47 18.70 1.61
CA GLU A 382 -6.18 19.32 0.51
C GLU A 382 -5.99 18.56 -0.80
N TYR A 383 -4.85 17.87 -0.95
CA TYR A 383 -4.63 17.07 -2.16
C TYR A 383 -5.54 15.85 -2.16
N LEU A 384 -5.61 15.14 -1.03
CA LEU A 384 -6.50 13.99 -0.94
C LEU A 384 -7.95 14.41 -1.12
N ASP A 385 -8.31 15.58 -0.59
CA ASP A 385 -9.68 16.07 -0.76
C ASP A 385 -9.95 16.43 -2.22
N THR A 386 -9.00 17.12 -2.88
CA THR A 386 -9.19 17.49 -4.28
C THR A 386 -9.29 16.25 -5.15
N ASN A 387 -8.52 15.21 -4.84
CA ASN A 387 -8.59 14.00 -5.63
C ASN A 387 -9.88 13.22 -5.37
N MET A 388 -10.48 13.39 -4.19
CA MET A 388 -11.73 12.70 -3.89
C MET A 388 -12.87 13.26 -4.73
N GLN A 389 -13.00 14.59 -4.78
CA GLN A 389 -14.08 15.21 -5.53
C GLN A 389 -13.97 14.91 -7.02
N SER A 390 -12.75 14.79 -7.54
CA SER A 390 -12.58 14.46 -8.95
C SER A 390 -12.98 13.01 -9.22
N MET A 391 -12.63 12.10 -8.31
CA MET A 391 -13.02 10.71 -8.48
C MET A 391 -14.53 10.54 -8.31
N TYR A 392 -15.13 11.28 -7.38
CA TYR A 392 -16.57 11.26 -7.20
C TYR A 392 -17.27 11.75 -8.47
N ALA A 393 -16.93 12.95 -8.93
CA ALA A 393 -17.68 13.57 -10.02
C ALA A 393 -17.48 12.86 -11.35
N ASN A 394 -16.29 12.29 -11.59
CA ASN A 394 -15.93 11.81 -12.91
C ASN A 394 -15.70 10.31 -13.02
N ASP A 395 -15.42 9.62 -11.91
CA ASP A 395 -15.05 8.20 -11.97
C ASP A 395 -16.05 7.30 -11.25
N ARG A 396 -17.21 7.81 -10.86
CA ARG A 396 -18.15 7.05 -10.06
C ARG A 396 -19.22 6.40 -10.94
N SER A 397 -19.74 5.27 -10.47
CA SER A 397 -20.85 4.58 -11.11
C SER A 397 -21.58 3.77 -10.05
N GLU A 398 -22.90 3.87 -10.04
CA GLU A 398 -23.73 3.22 -9.02
C GLU A 398 -24.23 1.88 -9.52
N ILE A 399 -24.28 0.90 -8.61
CA ILE A 399 -24.78 -0.43 -8.96
C ILE A 399 -26.29 -0.37 -9.12
N VAL A 400 -26.79 -1.07 -10.14
CA VAL A 400 -28.23 -1.11 -10.41
C VAL A 400 -28.89 -2.13 -9.48
N PRO A 401 -29.79 -1.70 -8.60
CA PRO A 401 -30.47 -2.66 -7.73
C PRO A 401 -31.61 -3.35 -8.46
N THR A 402 -31.82 -4.61 -8.12
CA THR A 402 -32.79 -5.47 -8.77
C THR A 402 -33.89 -5.86 -7.80
N LEU A 403 -34.89 -6.60 -8.30
CA LEU A 403 -35.97 -7.09 -7.48
C LEU A 403 -35.56 -8.25 -6.58
N PHE A 404 -34.35 -8.78 -6.76
CA PHE A 404 -33.89 -9.91 -5.96
C PHE A 404 -32.55 -9.57 -5.29
N ASP A 405 -31.79 -8.67 -5.90
CA ASP A 405 -30.48 -8.27 -5.40
C ASP A 405 -30.55 -6.78 -5.05
N SER A 406 -30.76 -6.48 -3.77
CA SER A 406 -30.83 -5.10 -3.28
C SER A 406 -29.47 -4.57 -2.86
N SER A 407 -28.39 -5.09 -3.41
CA SER A 407 -27.05 -4.64 -3.03
C SER A 407 -26.79 -3.25 -3.60
N THR A 408 -26.50 -2.30 -2.72
CA THR A 408 -26.14 -0.95 -3.13
C THR A 408 -24.64 -0.75 -3.01
N GLY A 409 -24.11 0.15 -3.82
CA GLY A 409 -22.68 0.41 -3.81
C GLY A 409 -22.27 1.24 -5.00
N ASP A 410 -21.01 1.65 -4.97
CA ASP A 410 -20.41 2.46 -6.01
C ASP A 410 -19.24 1.72 -6.64
N LEU A 411 -19.09 1.87 -7.96
CA LEU A 411 -17.99 1.27 -8.71
C LEU A 411 -17.15 2.37 -9.35
N TYR A 412 -15.86 2.09 -9.52
CA TYR A 412 -14.91 3.09 -9.99
C TYR A 412 -13.94 2.47 -10.99
N ASP A 413 -13.49 3.29 -11.93
CA ASP A 413 -12.52 2.87 -12.93
C ASP A 413 -11.12 3.26 -12.44
N VAL A 414 -10.13 3.28 -13.35
CA VAL A 414 -8.75 3.52 -12.94
C VAL A 414 -8.42 5.01 -12.92
N SER A 415 -8.88 5.76 -13.91
CA SER A 415 -8.54 7.18 -14.00
C SER A 415 -9.40 7.97 -13.02
N TRP A 416 -8.76 8.62 -12.05
CA TRP A 416 -9.49 9.42 -11.08
C TRP A 416 -10.07 10.70 -11.66
N SER A 417 -9.84 10.96 -12.95
CA SER A 417 -10.44 12.09 -13.63
C SER A 417 -11.07 11.74 -14.97
N GLY A 418 -10.64 10.66 -15.61
CA GLY A 418 -11.25 10.23 -16.85
C GLY A 418 -12.63 9.64 -16.64
N PRO A 419 -13.16 9.03 -17.68
CA PRO A 419 -14.50 8.46 -17.63
C PRO A 419 -14.57 7.02 -17.14
N PHE A 420 -15.73 6.68 -16.58
CA PHE A 420 -16.03 5.33 -16.15
C PHE A 420 -16.42 4.51 -17.37
N ARG A 421 -15.65 3.45 -17.63
CA ARG A 421 -15.96 2.53 -18.71
C ARG A 421 -16.22 1.11 -18.21
N ASN A 422 -15.43 0.66 -17.24
CA ASN A 422 -15.72 -0.58 -16.53
C ASN A 422 -15.22 -0.44 -15.10
N ALA A 423 -15.21 -1.55 -14.36
CA ALA A 423 -14.73 -1.55 -12.98
C ALA A 423 -14.22 -2.94 -12.66
N THR A 424 -12.96 -3.05 -12.26
CA THR A 424 -12.38 -4.29 -11.80
C THR A 424 -11.96 -4.15 -10.34
N MET A 425 -11.64 -5.29 -9.73
CA MET A 425 -11.30 -5.31 -8.31
C MET A 425 -10.07 -4.48 -7.96
N PRO A 426 -8.98 -4.47 -8.73
CA PRO A 426 -7.86 -3.57 -8.40
C PRO A 426 -8.23 -2.10 -8.44
N LYS A 427 -9.01 -1.66 -9.44
CA LYS A 427 -9.44 -0.27 -9.45
C LYS A 427 -10.41 0.02 -8.31
N GLN A 428 -11.25 -0.94 -7.95
CA GLN A 428 -12.18 -0.75 -6.84
C GLN A 428 -11.44 -0.61 -5.51
N ALA A 429 -10.39 -1.42 -5.31
CA ALA A 429 -9.61 -1.32 -4.08
C ALA A 429 -8.88 0.02 -4.01
N SER A 430 -8.40 0.52 -5.15
CA SER A 430 -7.74 1.82 -5.18
C SER A 430 -8.71 2.94 -4.83
N ALA A 431 -9.96 2.83 -5.27
CA ALA A 431 -10.95 3.85 -4.94
C ALA A 431 -11.26 3.87 -3.44
N ILE A 432 -11.32 2.69 -2.82
CA ILE A 432 -11.57 2.62 -1.38
C ILE A 432 -10.42 3.26 -0.61
N GLY A 433 -9.19 3.09 -1.10
CA GLY A 433 -8.05 3.66 -0.40
C GLY A 433 -8.07 5.17 -0.36
N LEU A 434 -8.55 5.81 -1.42
CA LEU A 434 -8.61 7.26 -1.43
C LEU A 434 -9.70 7.79 -0.50
N TYR A 435 -10.85 7.11 -0.46
CA TYR A 435 -11.91 7.49 0.47
C TYR A 435 -11.46 7.32 1.92
N VAL A 436 -10.79 6.21 2.21
CA VAL A 436 -10.32 5.95 3.58
C VAL A 436 -9.23 6.94 3.96
N ALA A 437 -8.39 7.34 3.00
CA ALA A 437 -7.31 8.30 3.27
C ALA A 437 -7.83 9.68 3.64
N ASN A 438 -9.14 9.92 3.55
CA ASN A 438 -9.73 11.20 3.90
C ASN A 438 -10.66 11.12 5.10
N ILE A 439 -10.74 9.96 5.76
CA ILE A 439 -11.61 9.81 6.93
C ILE A 439 -10.87 10.29 8.18
C1 MAN B . 6.00 -6.15 -11.31
C2 MAN B . 7.39 -5.71 -11.01
C3 MAN B . 7.38 -4.53 -10.18
C4 MAN B . 6.69 -3.41 -10.85
C5 MAN B . 5.23 -3.76 -11.24
C6 MAN B . 4.72 -2.76 -12.08
O1 MAN B . 5.36 -6.46 -10.11
O2 MAN B . 8.06 -5.37 -12.30
O3 MAN B . 8.79 -4.13 -9.88
O4 MAN B . 6.67 -2.28 -9.97
O5 MAN B . 5.24 -5.10 -11.99
O6 MAN B . 3.66 -3.27 -12.87
C1 MAN B . 8.87 -6.44 -12.78
C2 MAN B . 9.89 -5.87 -13.68
C3 MAN B . 9.28 -5.37 -14.91
C4 MAN B . 8.66 -6.43 -15.72
C5 MAN B . 8.00 -7.62 -14.95
C6 MAN B . 8.66 -8.83 -15.27
O2 MAN B . 10.93 -6.89 -14.00
O3 MAN B . 10.33 -4.71 -15.73
O4 MAN B . 7.63 -5.79 -16.53
O5 MAN B . 7.98 -7.43 -13.41
O6 MAN B . 9.07 -8.82 -16.63
C1 MAN C . 14.25 -6.51 -14.99
C2 MAN C . 14.30 -7.51 -13.80
C3 MAN C . 15.72 -7.70 -13.24
C4 MAN C . 16.68 -6.61 -13.74
C5 MAN C . 15.95 -5.28 -13.73
C6 MAN C . 16.87 -4.11 -13.99
O1 MAN C . 12.89 -6.28 -15.27
O2 MAN C . 13.85 -8.81 -14.20
O3 MAN C . 16.24 -9.00 -13.54
O4 MAN C . 17.83 -6.54 -12.90
O5 MAN C . 14.95 -5.29 -14.77
O6 MAN C . 17.26 -4.14 -15.37
C1 GOL D . 20.93 -7.97 -7.83
O1 GOL D . 21.74 -8.99 -8.31
C2 GOL D . 20.16 -7.38 -9.04
O2 GOL D . 19.45 -8.36 -9.73
C3 GOL D . 19.22 -6.31 -8.43
O3 GOL D . 18.22 -6.05 -9.37
C FMT E . 0.92 -0.74 2.71
O1 FMT E . 0.19 -1.37 3.45
O2 FMT E . 1.32 0.40 2.95
#